data_4G61
#
_entry.id   4G61
#
_cell.length_a   60.709
_cell.length_b   63.054
_cell.length_c   141.617
_cell.angle_alpha   90.000
_cell.angle_beta   90.000
_cell.angle_gamma   90.000
#
_symmetry.space_group_name_H-M   'P 21 2 21'
#
loop_
_entity.id
_entity.type
_entity.pdbx_description
1 polymer 'Inositol monophosphatase family protein'
2 non-polymer 'MAGNESIUM ION'
3 non-polymer 'PHOSPHATE ION'
4 non-polymer GLYCEROL
5 non-polymer 'CHLORIDE ION'
6 non-polymer 1-HYDROXYSULFANYL-4-MERCAPTO-BUTANE-2,3-DIOL
7 non-polymer 3,6,9,12,15,18-HEXAOXAICOSANE-1,20-DIOL
8 non-polymer 'TETRAETHYLENE GLYCOL'
9 water water
#
_entity_poly.entity_id   1
_entity_poly.type   'polypeptide(L)'
_entity_poly.pdbx_seq_one_letter_code
;HHHHHHMTDKTLQQIDKLICSWLKQIDNVIPQLIMEMTTETKRHRFDLVTNVDKQIQQQFQQFLATYFPEHQLLAEEKSN
AMITNEINHLWIMDPIDGTANLVKQQEDYCIILAYFYEGKPMLSYVYDYPHKKLYKAIRGEGAFCNGIKMEEPPSLKLED
AIISFNAQVMNLDTVQDLFDASFSYRLVGACGLDSMRVAKGQFGAHINTNPKPWDIAAQFLFAELLNLKMTTLDGKAIDH
LKGAPFIISNKACHETVLKILNANGGYQKYR
;
_entity_poly.pdbx_strand_id   A,B
#
# COMPACT_ATOMS: atom_id res chain seq x y z
N THR A 8 33.00 -7.71 -28.22
CA THR A 8 31.68 -7.93 -28.91
C THR A 8 30.98 -6.58 -29.26
N ASP A 9 30.34 -5.99 -28.24
CA ASP A 9 29.47 -4.78 -28.35
C ASP A 9 28.03 -5.25 -28.44
N LYS A 10 27.24 -4.87 -27.46
CA LYS A 10 25.87 -5.35 -27.30
C LYS A 10 24.86 -4.27 -27.65
N THR A 11 23.70 -4.67 -28.14
CA THR A 11 22.59 -3.77 -28.27
C THR A 11 21.91 -3.56 -26.88
N LEU A 12 21.05 -2.55 -26.74
CA LEU A 12 20.36 -2.38 -25.45
C LEU A 12 19.43 -3.55 -25.21
N GLN A 13 18.83 -4.08 -26.28
CA GLN A 13 17.88 -5.18 -26.14
CA GLN A 13 17.88 -5.19 -26.15
C GLN A 13 18.59 -6.43 -25.56
N GLN A 14 19.80 -6.70 -26.04
CA GLN A 14 20.64 -7.76 -25.45
C GLN A 14 20.97 -7.49 -23.97
N ILE A 15 21.29 -6.25 -23.62
CA ILE A 15 21.56 -5.95 -22.22
C ILE A 15 20.28 -6.14 -21.39
N ASP A 16 19.17 -5.65 -21.92
CA ASP A 16 17.89 -5.86 -21.28
C ASP A 16 17.55 -7.34 -21.10
N LYS A 17 17.82 -8.16 -22.12
CA LYS A 17 17.57 -9.57 -22.01
C LYS A 17 18.35 -10.16 -20.86
N LEU A 18 19.66 -9.90 -20.80
CA LEU A 18 20.48 -10.31 -19.62
C LEU A 18 19.88 -9.88 -18.26
N ILE A 19 19.50 -8.61 -18.13
CA ILE A 19 19.09 -8.12 -16.82
C ILE A 19 17.79 -8.82 -16.42
N CYS A 20 16.82 -8.86 -17.32
CA CYS A 20 15.56 -9.48 -17.00
C CYS A 20 15.71 -10.92 -16.52
N SER A 21 16.64 -11.65 -17.12
CA SER A 21 16.81 -13.05 -16.75
C SER A 21 17.49 -13.11 -15.41
N TRP A 22 18.43 -12.19 -15.16
CA TRP A 22 19.09 -12.21 -13.86
C TRP A 22 18.07 -11.92 -12.74
N LEU A 23 17.22 -10.92 -13.00
CA LEU A 23 16.13 -10.53 -12.11
C LEU A 23 15.13 -11.67 -11.86
N LYS A 24 14.65 -12.27 -12.96
CA LYS A 24 13.85 -13.50 -12.92
C LYS A 24 14.50 -14.69 -12.21
N GLN A 25 15.81 -14.86 -12.35
CA GLN A 25 16.58 -15.85 -11.57
C GLN A 25 16.62 -15.59 -10.04
N ILE A 26 16.46 -14.33 -9.63
CA ILE A 26 16.57 -13.94 -8.22
C ILE A 26 15.33 -14.42 -7.44
N ASP A 27 14.20 -14.56 -8.13
CA ASP A 27 13.02 -15.28 -7.62
C ASP A 27 13.33 -16.65 -6.96
N ASN A 28 14.31 -17.38 -7.47
CA ASN A 28 14.65 -18.65 -6.88
C ASN A 28 15.46 -18.55 -5.63
N VAL A 29 16.15 -17.44 -5.48
CA VAL A 29 17.09 -17.26 -4.39
C VAL A 29 16.39 -16.61 -3.18
N ILE A 30 15.56 -15.60 -3.44
CA ILE A 30 14.93 -14.82 -2.38
C ILE A 30 14.13 -15.61 -1.29
N PRO A 31 13.33 -16.63 -1.70
CA PRO A 31 12.56 -17.33 -0.63
C PRO A 31 13.50 -17.87 0.49
N GLN A 32 14.65 -18.39 0.09
CA GLN A 32 15.59 -18.92 1.06
C GLN A 32 16.22 -17.82 1.92
N LEU A 33 16.61 -16.71 1.31
CA LEU A 33 17.20 -15.60 2.07
C LEU A 33 16.19 -15.08 3.09
N ILE A 34 14.93 -14.94 2.66
CA ILE A 34 13.89 -14.47 3.56
C ILE A 34 13.68 -15.44 4.75
N MET A 35 13.67 -16.75 4.52
CA MET A 35 13.45 -17.72 5.62
C MET A 35 14.59 -17.72 6.65
N GLU A 36 15.81 -17.37 6.22
CA GLU A 36 16.95 -17.23 7.11
C GLU A 36 17.32 -15.74 7.34
N MET A 37 16.30 -14.89 7.40
CA MET A 37 16.51 -13.43 7.44
C MET A 37 17.16 -13.00 8.75
N THR A 38 18.26 -12.25 8.64
CA THR A 38 18.91 -11.57 9.77
C THR A 38 19.03 -10.07 9.44
N THR A 39 19.00 -9.24 10.47
CA THR A 39 18.98 -7.80 10.32
C THR A 39 20.20 -7.20 11.03
N GLU A 40 20.80 -6.18 10.40
CA GLU A 40 21.78 -5.28 11.03
C GLU A 40 21.31 -3.81 10.97
N THR A 41 21.97 -2.96 11.76
CA THR A 41 21.63 -1.53 11.75
C THR A 41 22.73 -0.76 11.09
N LYS A 42 22.36 0.42 10.61
CA LYS A 42 23.31 1.30 9.92
C LYS A 42 23.52 2.59 10.73
N ARG A 43 22.82 3.63 10.30
CA ARG A 43 22.93 4.96 10.85
C ARG A 43 22.37 5.07 12.28
N HIS A 44 21.30 4.32 12.55
CA HIS A 44 20.65 4.28 13.87
C HIS A 44 19.88 2.96 14.03
N ARG A 45 19.19 2.80 15.14
CA ARG A 45 18.55 1.54 15.44
C ARG A 45 17.46 1.10 14.46
N PHE A 46 16.81 2.04 13.79
CA PHE A 46 15.79 1.66 12.81
C PHE A 46 16.23 1.76 11.30
N ASP A 47 17.50 2.02 11.05
CA ASP A 47 18.03 2.09 9.69
C ASP A 47 18.58 0.71 9.34
N LEU A 48 17.73 -0.14 8.76
CA LEU A 48 17.96 -1.58 8.69
C LEU A 48 18.63 -2.03 7.42
N VAL A 49 19.45 -3.06 7.56
CA VAL A 49 19.90 -3.80 6.42
C VAL A 49 19.81 -5.32 6.74
N THR A 50 19.39 -6.12 5.75
CA THR A 50 19.31 -7.56 5.92
C THR A 50 20.24 -8.36 4.98
N ASN A 51 20.29 -9.66 5.24
CA ASN A 51 21.05 -10.60 4.43
C ASN A 51 20.43 -10.62 3.04
N VAL A 52 19.13 -10.27 2.97
CA VAL A 52 18.49 -10.17 1.65
C VAL A 52 19.08 -9.02 0.83
N ASP A 53 19.14 -7.80 1.41
CA ASP A 53 19.85 -6.68 0.77
C ASP A 53 21.25 -7.12 0.36
N LYS A 54 22.07 -7.59 1.30
CA LYS A 54 23.48 -7.91 1.02
C LYS A 54 23.71 -9.02 -0.03
N GLN A 55 22.93 -10.08 0.00
CA GLN A 55 23.13 -11.12 -1.02
C GLN A 55 22.76 -10.69 -2.43
N ILE A 56 21.59 -10.05 -2.59
CA ILE A 56 21.17 -9.53 -3.91
C ILE A 56 22.19 -8.57 -4.53
N GLN A 57 22.82 -7.74 -3.69
CA GLN A 57 23.75 -6.76 -4.24
C GLN A 57 25.08 -7.44 -4.56
N GLN A 58 25.46 -8.40 -3.72
CA GLN A 58 26.65 -9.21 -3.98
C GLN A 58 26.54 -10.03 -5.30
N GLN A 59 25.35 -10.61 -5.53
CA GLN A 59 25.15 -11.41 -6.74
C GLN A 59 25.12 -10.58 -8.00
N PHE A 60 24.63 -9.34 -7.87
CA PHE A 60 24.62 -8.44 -8.99
C PHE A 60 26.01 -7.93 -9.32
N GLN A 61 26.77 -7.52 -8.29
CA GLN A 61 28.21 -7.19 -8.51
C GLN A 61 28.96 -8.32 -9.23
N GLN A 62 28.69 -9.56 -8.84
CA GLN A 62 29.28 -10.74 -9.45
C GLN A 62 28.72 -10.99 -10.89
N PHE A 63 27.44 -10.68 -11.12
CA PHE A 63 26.86 -10.67 -12.47
C PHE A 63 27.56 -9.65 -13.37
N LEU A 64 27.79 -8.46 -12.83
CA LEU A 64 28.52 -7.44 -13.53
C LEU A 64 29.97 -7.84 -13.82
N ALA A 65 30.70 -8.33 -12.84
CA ALA A 65 32.08 -8.75 -13.09
C ALA A 65 32.15 -9.83 -14.20
N THR A 66 31.09 -10.63 -14.30
CA THR A 66 30.93 -11.73 -15.30
C THR A 66 30.63 -11.32 -16.75
N TYR A 67 29.83 -10.26 -16.93
CA TYR A 67 29.22 -9.95 -18.21
C TYR A 67 29.68 -8.64 -18.71
N PHE A 68 29.89 -7.69 -17.79
CA PHE A 68 30.22 -6.32 -18.15
C PHE A 68 31.38 -5.85 -17.29
N PRO A 69 32.56 -6.49 -17.48
CA PRO A 69 33.63 -6.24 -16.52
C PRO A 69 34.12 -4.80 -16.43
N GLU A 70 33.83 -3.96 -17.44
CA GLU A 70 34.26 -2.57 -17.36
C GLU A 70 33.21 -1.72 -16.65
N HIS A 71 32.06 -2.31 -16.37
CA HIS A 71 30.99 -1.53 -15.77
C HIS A 71 31.25 -1.34 -14.28
N GLN A 72 30.86 -0.19 -13.77
CA GLN A 72 31.01 0.13 -12.36
C GLN A 72 29.66 0.16 -11.59
N LEU A 73 29.70 -0.12 -10.29
CA LEU A 73 28.48 -0.20 -9.51
C LEU A 73 28.39 0.83 -8.35
N LEU A 74 27.38 1.70 -8.43
CA LEU A 74 27.02 2.56 -7.31
C LEU A 74 25.84 1.93 -6.58
N ALA A 75 26.07 1.45 -5.37
CA ALA A 75 25.01 0.72 -4.64
C ALA A 75 24.95 0.99 -3.13
N GLU A 76 23.76 0.79 -2.56
CA GLU A 76 23.48 1.19 -1.22
C GLU A 76 24.34 0.51 -0.16
N GLU A 77 24.56 -0.79 -0.31
CA GLU A 77 25.11 -1.55 0.81
C GLU A 77 26.61 -1.78 0.65
N LYS A 78 27.26 -0.77 0.06
CA LYS A 78 28.71 -0.80 -0.10
C LYS A 78 29.21 0.63 -0.13
N SER A 79 30.50 0.83 -0.03
CA SER A 79 31.00 2.19 -0.22
C SER A 79 31.19 2.49 -1.71
N ASN A 80 31.05 3.76 -2.06
CA ASN A 80 31.06 4.22 -3.43
C ASN A 80 32.08 5.35 -3.64
N ALA A 81 33.22 5.27 -2.93
CA ALA A 81 34.24 6.35 -2.92
C ALA A 81 34.85 6.47 -4.27
N MET A 82 34.95 5.34 -4.96
CA MET A 82 35.59 5.25 -6.26
C MET A 82 34.71 5.75 -7.42
N ILE A 83 33.44 6.03 -7.16
CA ILE A 83 32.53 6.48 -8.23
C ILE A 83 32.73 7.96 -8.59
N THR A 84 33.13 8.27 -9.85
CA THR A 84 33.23 9.68 -10.33
C THR A 84 32.11 10.08 -11.30
N ASN A 85 32.20 11.28 -11.87
CA ASN A 85 31.25 11.71 -12.91
C ASN A 85 31.77 11.40 -14.30
N GLU A 86 32.96 10.84 -14.41
CA GLU A 86 33.52 10.60 -15.74
C GLU A 86 33.04 9.26 -16.31
N ILE A 87 32.33 8.48 -15.47
CA ILE A 87 32.13 7.06 -15.72
C ILE A 87 31.28 6.79 -16.97
N ASN A 88 31.82 5.96 -17.85
CA ASN A 88 31.17 5.65 -19.10
C ASN A 88 30.06 4.63 -18.95
N HIS A 89 30.21 3.63 -18.10
CA HIS A 89 29.18 2.61 -17.92
C HIS A 89 28.91 2.38 -16.46
N LEU A 90 27.77 2.88 -16.00
CA LEU A 90 27.48 2.88 -14.58
C LEU A 90 26.13 2.33 -14.30
N TRP A 91 26.07 1.39 -13.35
CA TRP A 91 24.79 0.92 -12.79
C TRP A 91 24.59 1.46 -11.37
N ILE A 92 23.33 1.80 -11.08
CA ILE A 92 22.95 2.23 -9.78
C ILE A 92 21.96 1.21 -9.29
N MET A 93 22.26 0.70 -8.08
CA MET A 93 21.38 -0.32 -7.49
C MET A 93 20.93 -0.05 -6.06
N ASP A 94 19.63 -0.23 -5.82
CA ASP A 94 19.09 -0.34 -4.48
C ASP A 94 18.65 -1.81 -4.36
N PRO A 95 19.43 -2.63 -3.63
CA PRO A 95 19.21 -4.06 -3.70
C PRO A 95 17.86 -4.46 -3.10
N ILE A 96 17.49 -3.83 -1.99
CA ILE A 96 16.15 -3.86 -1.50
C ILE A 96 15.77 -2.42 -1.18
N ASP A 97 14.83 -1.89 -1.94
CA ASP A 97 14.26 -0.61 -1.61
C ASP A 97 12.97 -0.88 -0.78
N GLY A 98 12.91 -0.35 0.45
CA GLY A 98 11.83 -0.74 1.38
C GLY A 98 12.20 -1.84 2.33
N THR A 99 13.42 -1.78 2.85
CA THR A 99 13.87 -2.85 3.77
C THR A 99 12.94 -2.92 5.00
N ALA A 100 12.49 -1.77 5.50
CA ALA A 100 11.65 -1.81 6.66
C ALA A 100 10.39 -2.67 6.29
N ASN A 101 9.83 -2.47 5.11
CA ASN A 101 8.68 -3.25 4.66
C ASN A 101 9.06 -4.69 4.52
N LEU A 102 10.21 -4.98 3.90
CA LEU A 102 10.68 -6.39 3.87
C LEU A 102 10.66 -6.99 5.28
N VAL A 103 11.29 -6.30 6.23
CA VAL A 103 11.40 -6.84 7.57
C VAL A 103 10.04 -7.02 8.27
N LYS A 104 9.16 -6.00 8.22
CA LYS A 104 7.94 -5.99 9.03
C LYS A 104 6.76 -6.68 8.36
N GLN A 105 6.81 -6.69 7.03
CA GLN A 105 5.69 -7.15 6.25
C GLN A 105 6.02 -8.23 5.21
N GLN A 106 7.27 -8.31 4.76
CA GLN A 106 7.61 -9.14 3.62
C GLN A 106 6.68 -8.86 2.43
N GLU A 107 6.45 -7.57 2.23
CA GLU A 107 5.58 -7.13 1.19
C GLU A 107 5.89 -5.65 0.99
N ASP A 108 5.56 -5.12 -0.17
CA ASP A 108 5.83 -3.70 -0.39
C ASP A 108 7.32 -3.29 -0.37
N TYR A 109 8.12 -4.06 -1.10
CA TYR A 109 9.52 -3.71 -1.30
C TYR A 109 9.90 -4.12 -2.72
N CYS A 110 11.02 -3.62 -3.24
CA CYS A 110 11.35 -3.92 -4.63
C CYS A 110 12.84 -3.80 -4.78
N ILE A 111 13.30 -4.20 -5.93
CA ILE A 111 14.69 -4.07 -6.35
C ILE A 111 14.74 -2.96 -7.40
N ILE A 112 15.66 -2.01 -7.22
CA ILE A 112 15.85 -0.91 -8.14
C ILE A 112 17.21 -0.99 -8.86
N LEU A 113 17.17 -0.91 -10.19
CA LEU A 113 18.40 -0.85 -11.01
C LEU A 113 18.29 0.16 -12.13
N ALA A 114 19.39 0.87 -12.43
CA ALA A 114 19.45 1.75 -13.60
C ALA A 114 20.84 1.86 -14.13
N TYR A 115 20.91 1.92 -15.47
CA TYR A 115 22.10 1.99 -16.23
C TYR A 115 22.24 3.33 -16.99
N PHE A 116 23.38 3.94 -16.81
CA PHE A 116 23.66 5.24 -17.38
C PHE A 116 24.84 5.07 -18.32
N TYR A 117 24.63 5.42 -19.57
CA TYR A 117 25.74 5.43 -20.55
C TYR A 117 26.21 6.87 -20.71
N GLU A 118 27.50 7.11 -20.44
CA GLU A 118 28.06 8.44 -20.47
C GLU A 118 27.13 9.46 -19.82
N GLY A 119 26.61 9.11 -18.63
CA GLY A 119 25.72 10.00 -17.89
C GLY A 119 24.25 10.04 -18.30
N LYS A 120 23.89 9.27 -19.33
CA LYS A 120 22.53 9.27 -19.87
C LYS A 120 21.75 7.97 -19.54
N PRO A 121 20.56 8.09 -18.92
CA PRO A 121 19.85 6.87 -18.53
C PRO A 121 19.42 6.12 -19.78
N MET A 122 19.69 4.80 -19.82
CA MET A 122 19.39 3.92 -20.96
C MET A 122 18.46 2.78 -20.56
N LEU A 123 18.57 2.31 -19.32
CA LEU A 123 17.80 1.12 -18.90
C LEU A 123 17.45 1.31 -17.43
N SER A 124 16.23 0.98 -17.00
CA SER A 124 15.86 1.09 -15.58
C SER A 124 14.92 0.01 -15.21
N TYR A 125 14.95 -0.41 -13.94
CA TYR A 125 14.17 -1.56 -13.50
C TYR A 125 13.71 -1.27 -12.09
N VAL A 126 12.41 -1.46 -11.82
CA VAL A 126 11.87 -1.51 -10.45
C VAL A 126 11.17 -2.84 -10.37
N TYR A 127 11.80 -3.76 -9.67
CA TYR A 127 11.25 -5.10 -9.62
C TYR A 127 10.41 -5.27 -8.37
N ASP A 128 9.10 -5.33 -8.54
CA ASP A 128 8.22 -5.55 -7.42
C ASP A 128 8.13 -7.07 -7.18
N TYR A 129 9.08 -7.61 -6.42
CA TYR A 129 9.19 -9.05 -6.21
C TYR A 129 7.98 -9.72 -5.48
N PRO A 130 7.50 -9.14 -4.36
CA PRO A 130 6.35 -9.85 -3.72
C PRO A 130 5.18 -10.05 -4.69
N HIS A 131 5.05 -9.18 -5.67
CA HIS A 131 3.97 -9.41 -6.64
C HIS A 131 4.42 -9.92 -8.00
N LYS A 132 5.73 -10.16 -8.15
CA LYS A 132 6.31 -10.53 -9.44
C LYS A 132 5.90 -9.55 -10.57
N LYS A 133 5.96 -8.24 -10.31
CA LYS A 133 5.81 -7.29 -11.38
C LYS A 133 7.13 -6.57 -11.64
N LEU A 134 7.61 -6.72 -12.87
CA LEU A 134 8.82 -6.08 -13.33
C LEU A 134 8.43 -4.85 -14.15
N TYR A 135 8.70 -3.68 -13.57
CA TYR A 135 8.58 -2.44 -14.30
C TYR A 135 9.96 -2.20 -14.94
N LYS A 136 10.02 -2.00 -16.25
CA LYS A 136 11.30 -1.63 -16.88
C LYS A 136 11.11 -0.52 -17.87
N ALA A 137 12.16 0.23 -18.11
CA ALA A 137 12.12 1.28 -19.07
C ALA A 137 13.37 1.15 -19.92
N ILE A 138 13.17 1.13 -21.22
CA ILE A 138 14.26 0.93 -22.13
C ILE A 138 14.23 2.04 -23.16
N ARG A 139 15.33 2.78 -23.25
CA ARG A 139 15.42 3.90 -24.17
C ARG A 139 15.24 3.43 -25.60
N GLY A 140 14.29 4.06 -26.30
CA GLY A 140 14.00 3.73 -27.70
C GLY A 140 12.95 2.62 -27.89
N GLU A 141 12.46 2.06 -26.81
CA GLU A 141 11.47 1.02 -26.86
C GLU A 141 10.21 1.41 -26.06
N GLY A 142 10.39 1.90 -24.83
CA GLY A 142 9.26 2.32 -23.97
C GLY A 142 9.38 1.82 -22.55
N ALA A 143 8.35 2.05 -21.77
CA ALA A 143 8.25 1.49 -20.41
C ALA A 143 7.18 0.39 -20.36
N PHE A 144 7.42 -0.62 -19.52
CA PHE A 144 6.67 -1.88 -19.48
C PHE A 144 6.48 -2.35 -18.04
N CYS A 145 5.35 -2.99 -17.76
CA CYS A 145 5.12 -3.69 -16.51
C CYS A 145 4.78 -5.09 -16.93
N ASN A 146 5.68 -6.03 -16.66
CA ASN A 146 5.61 -7.39 -17.21
C ASN A 146 5.39 -7.47 -18.72
N GLY A 147 6.12 -6.66 -19.47
CA GLY A 147 5.86 -6.70 -20.95
C GLY A 147 4.51 -6.15 -21.43
N ILE A 148 3.71 -5.64 -20.51
CA ILE A 148 2.57 -4.83 -20.84
C ILE A 148 3.10 -3.37 -20.90
N LYS A 149 3.07 -2.74 -22.06
CA LYS A 149 3.55 -1.36 -22.26
C LYS A 149 2.78 -0.31 -21.47
N MET A 150 3.50 0.56 -20.75
CA MET A 150 2.90 1.68 -20.00
C MET A 150 2.85 2.91 -20.88
N GLU A 151 1.80 3.73 -20.72
CA GLU A 151 1.72 5.02 -21.43
C GLU A 151 1.53 6.19 -20.46
N GLU A 152 1.74 7.39 -20.94
CA GLU A 152 1.59 8.54 -20.11
C GLU A 152 0.18 8.50 -19.47
N PRO A 153 0.13 8.68 -18.14
CA PRO A 153 -1.12 8.76 -17.39
C PRO A 153 -1.93 10.04 -17.76
N PRO A 154 -3.28 10.00 -17.62
CA PRO A 154 -4.15 11.21 -17.75
C PRO A 154 -3.63 12.36 -16.86
N SER A 155 -3.94 13.59 -17.21
CA SER A 155 -3.64 14.74 -16.32
C SER A 155 -4.36 14.57 -15.03
N LEU A 156 -3.66 14.85 -13.94
CA LEU A 156 -4.28 14.79 -12.63
C LEU A 156 -3.96 16.08 -11.94
N LYS A 157 -4.99 16.90 -11.76
CA LYS A 157 -4.89 18.00 -10.83
C LYS A 157 -4.75 17.52 -9.38
N LEU A 158 -3.99 18.24 -8.58
CA LEU A 158 -3.80 17.80 -7.23
C LEU A 158 -5.12 17.47 -6.45
N GLU A 159 -6.16 18.26 -6.67
CA GLU A 159 -7.42 18.18 -5.92
C GLU A 159 -8.16 16.86 -6.26
N ASP A 160 -7.77 16.23 -7.37
CA ASP A 160 -8.39 15.00 -7.88
C ASP A 160 -7.46 13.80 -7.68
N ALA A 161 -6.33 14.05 -7.04
CA ALA A 161 -5.25 13.06 -6.97
C ALA A 161 -4.84 12.62 -5.54
N ILE A 162 -4.48 11.34 -5.44
CA ILE A 162 -3.97 10.83 -4.20
C ILE A 162 -2.49 11.12 -4.21
N ILE A 163 -1.93 11.51 -3.06
CA ILE A 163 -0.49 11.65 -2.96
C ILE A 163 0.17 10.91 -1.83
N SER A 164 1.45 10.69 -2.01
CA SER A 164 2.22 9.90 -1.11
C SER A 164 3.50 10.67 -0.70
N PHE A 165 3.83 10.64 0.59
CA PHE A 165 5.11 11.20 1.07
C PHE A 165 5.25 10.70 2.47
N ASN A 166 6.44 10.88 3.05
CA ASN A 166 6.69 10.52 4.44
C ASN A 166 6.23 11.67 5.32
N ALA A 167 5.15 11.48 6.05
CA ALA A 167 4.58 12.59 6.80
C ALA A 167 5.29 12.75 8.13
N GLN A 168 6.29 11.90 8.42
CA GLN A 168 6.97 11.92 9.74
C GLN A 168 8.16 12.86 9.76
N VAL A 169 8.56 13.34 8.59
CA VAL A 169 9.83 14.03 8.41
C VAL A 169 9.63 15.49 7.95
N MET A 170 8.39 15.94 7.98
CA MET A 170 8.00 17.25 7.52
C MET A 170 7.29 18.07 8.58
N ASN A 171 7.41 19.38 8.45
CA ASN A 171 6.59 20.31 9.21
CA ASN A 171 6.58 20.30 9.22
C ASN A 171 5.13 19.89 9.08
N LEU A 172 4.49 19.66 10.22
CA LEU A 172 3.09 19.27 10.30
C LEU A 172 2.16 20.25 9.56
N ASP A 173 2.51 21.54 9.54
CA ASP A 173 1.77 22.53 8.73
C ASP A 173 1.81 22.25 7.24
N THR A 174 2.97 21.85 6.74
CA THR A 174 3.10 21.49 5.33
C THR A 174 2.33 20.22 5.03
N VAL A 175 2.55 19.22 5.90
CA VAL A 175 1.72 18.03 5.88
C VAL A 175 0.22 18.43 5.76
N GLN A 176 -0.30 19.19 6.69
CA GLN A 176 -1.72 19.60 6.67
C GLN A 176 -2.09 20.24 5.31
N ASP A 177 -1.26 21.14 4.81
CA ASP A 177 -1.51 21.75 3.51
C ASP A 177 -1.58 20.73 2.40
N LEU A 178 -0.69 19.73 2.48
CA LEU A 178 -0.63 18.71 1.46
C LEU A 178 -1.96 17.87 1.51
N PHE A 179 -2.45 17.58 2.72
CA PHE A 179 -3.74 16.88 2.93
C PHE A 179 -4.91 17.66 2.38
N ASP A 180 -4.95 18.96 2.69
CA ASP A 180 -6.06 19.83 2.29
C ASP A 180 -6.19 19.98 0.77
N ALA A 181 -5.06 20.13 0.09
CA ALA A 181 -5.05 20.37 -1.35
C ALA A 181 -5.27 19.12 -2.23
N SER A 182 -5.11 17.90 -1.68
CA SER A 182 -5.17 16.73 -2.53
C SER A 182 -6.46 15.94 -2.31
N PHE A 183 -6.71 14.94 -3.14
CA PHE A 183 -7.92 14.17 -3.01
C PHE A 183 -7.86 13.32 -1.75
N SER A 184 -6.72 12.69 -1.54
CA SER A 184 -6.45 11.92 -0.33
C SER A 184 -4.96 11.54 -0.26
N TYR A 185 -4.61 10.82 0.79
CA TYR A 185 -3.26 10.41 1.04
C TYR A 185 -3.13 8.88 1.23
N ARG A 186 -2.02 8.33 0.73
CA ARG A 186 -1.71 6.91 0.88
C ARG A 186 -0.17 6.78 0.96
N LEU A 187 0.32 5.65 1.46
CA LEU A 187 1.76 5.41 1.54
C LEU A 187 2.09 3.93 1.42
N VAL A 188 2.82 3.56 0.37
CA VAL A 188 3.29 2.15 0.24
C VAL A 188 4.55 1.96 1.16
N GLY A 189 5.51 2.90 1.14
CA GLY A 189 6.69 2.79 1.98
C GLY A 189 8.00 2.29 1.34
N ALA A 190 7.99 2.16 0.00
CA ALA A 190 9.17 2.03 -0.81
C ALA A 190 9.17 3.07 -1.91
N CYS A 191 10.15 3.94 -1.96
CA CYS A 191 10.25 4.98 -2.99
C CYS A 191 10.00 4.49 -4.44
N GLY A 192 10.62 3.36 -4.79
CA GLY A 192 10.45 2.80 -6.14
C GLY A 192 9.01 2.43 -6.39
N LEU A 193 8.33 1.89 -5.37
CA LEU A 193 6.93 1.48 -5.52
C LEU A 193 5.94 2.66 -5.48
N ASP A 194 6.08 3.55 -4.50
CA ASP A 194 5.36 4.83 -4.55
C ASP A 194 5.65 5.60 -5.88
N SER A 195 6.84 5.46 -6.44
CA SER A 195 7.11 6.16 -7.73
C SER A 195 6.32 5.55 -8.90
N MET A 196 6.28 4.23 -8.95
CA MET A 196 5.52 3.57 -9.99
C MET A 196 4.01 3.88 -9.94
N ARG A 197 3.49 4.13 -8.75
CA ARG A 197 2.08 4.47 -8.63
C ARG A 197 1.88 5.78 -9.37
N VAL A 198 2.86 6.68 -9.31
CA VAL A 198 2.74 7.93 -10.08
C VAL A 198 2.84 7.65 -11.59
N ALA A 199 3.73 6.72 -11.96
CA ALA A 199 3.98 6.44 -13.36
C ALA A 199 2.75 5.78 -13.95
N LYS A 200 2.05 4.97 -13.14
CA LYS A 200 0.82 4.34 -13.59
C LYS A 200 -0.43 5.25 -13.53
N GLY A 201 -0.33 6.43 -12.91
CA GLY A 201 -1.49 7.35 -12.86
C GLY A 201 -2.40 7.12 -11.65
N GLN A 202 -1.94 6.27 -10.72
CA GLN A 202 -2.65 5.90 -9.46
C GLN A 202 -2.45 6.95 -8.34
N PHE A 203 -1.25 7.54 -8.24
CA PHE A 203 -0.98 8.69 -7.36
C PHE A 203 -0.71 9.90 -8.26
N GLY A 204 -0.96 11.11 -7.74
CA GLY A 204 -0.57 12.33 -8.45
C GLY A 204 0.89 12.58 -8.22
N ALA A 205 1.40 12.29 -7.02
CA ALA A 205 2.82 12.66 -6.78
C ALA A 205 3.37 11.87 -5.62
N HIS A 206 4.66 11.57 -5.66
CA HIS A 206 5.35 11.02 -4.51
C HIS A 206 6.51 11.94 -4.20
N ILE A 207 6.66 12.30 -2.92
CA ILE A 207 7.79 13.12 -2.46
C ILE A 207 8.73 12.29 -1.57
N ASN A 208 10.05 12.44 -1.74
CA ASN A 208 11.03 11.94 -0.74
C ASN A 208 11.98 13.07 -0.53
N THR A 209 12.04 13.59 0.70
CA THR A 209 12.79 14.82 0.94
C THR A 209 14.28 14.57 1.19
N ASN A 210 14.68 13.30 1.20
CA ASN A 210 16.09 12.97 1.41
C ASN A 210 16.52 11.61 0.81
N PRO A 211 16.26 11.41 -0.50
CA PRO A 211 16.65 10.14 -1.13
C PRO A 211 18.15 10.05 -1.36
N LYS A 212 18.65 8.83 -1.33
CA LYS A 212 19.97 8.52 -1.87
C LYS A 212 19.87 8.28 -3.39
N PRO A 213 20.99 8.35 -4.14
CA PRO A 213 20.98 8.10 -5.59
C PRO A 213 20.22 6.84 -6.01
N TRP A 214 20.41 5.75 -5.26
CA TRP A 214 19.76 4.44 -5.53
C TRP A 214 18.24 4.39 -5.29
N ASP A 215 17.70 5.29 -4.45
CA ASP A 215 16.23 5.42 -4.28
C ASP A 215 15.51 5.94 -5.51
N ILE A 216 16.19 6.71 -6.33
CA ILE A 216 15.53 7.37 -7.46
C ILE A 216 16.20 7.13 -8.82
N ALA A 217 17.24 6.32 -8.85
CA ALA A 217 17.94 6.03 -10.11
C ALA A 217 17.11 5.54 -11.32
N ALA A 218 16.19 4.60 -11.13
CA ALA A 218 15.41 4.07 -12.27
C ALA A 218 14.38 5.08 -12.77
N GLN A 219 13.95 5.93 -11.86
CA GLN A 219 12.84 6.81 -12.09
C GLN A 219 13.10 7.86 -13.16
N PHE A 220 14.35 8.34 -13.30
CA PHE A 220 14.68 9.34 -14.40
C PHE A 220 14.10 8.90 -15.73
N LEU A 221 14.34 7.64 -16.13
CA LEU A 221 13.97 7.23 -17.51
C LEU A 221 12.45 6.98 -17.65
N PHE A 222 11.84 6.41 -16.60
CA PHE A 222 10.40 6.29 -16.49
C PHE A 222 9.74 7.69 -16.64
N ALA A 223 10.26 8.72 -15.95
CA ALA A 223 9.67 10.07 -16.03
C ALA A 223 9.85 10.65 -17.44
N GLU A 224 11.04 10.47 -17.98
CA GLU A 224 11.27 10.83 -19.34
C GLU A 224 10.32 10.05 -20.29
N LEU A 225 10.22 8.72 -20.19
CA LEU A 225 9.45 7.98 -21.21
C LEU A 225 7.93 8.18 -21.08
N LEU A 226 7.50 8.49 -19.86
CA LEU A 226 6.09 8.66 -19.57
C LEU A 226 5.58 10.11 -19.40
N ASN A 227 6.41 11.11 -19.72
CA ASN A 227 6.07 12.54 -19.53
C ASN A 227 5.75 12.91 -18.08
N LEU A 228 6.53 12.41 -17.14
CA LEU A 228 6.31 12.81 -15.74
C LEU A 228 7.23 13.95 -15.43
N LYS A 229 6.90 14.74 -14.39
CA LYS A 229 7.85 15.70 -13.87
C LYS A 229 8.67 15.07 -12.75
N MET A 230 9.99 15.12 -12.87
CA MET A 230 10.80 14.62 -11.83
C MET A 230 11.90 15.61 -11.49
N THR A 231 11.85 16.19 -10.31
CA THR A 231 12.71 17.37 -10.07
C THR A 231 13.10 17.43 -8.63
N THR A 232 13.99 18.38 -8.35
CA THR A 232 14.26 18.74 -6.98
C THR A 232 12.98 19.45 -6.39
N LEU A 233 12.94 19.56 -5.07
CA LEU A 233 11.86 20.30 -4.44
C LEU A 233 11.99 21.78 -4.76
N ASP A 234 13.09 22.15 -5.41
CA ASP A 234 13.27 23.52 -6.00
C ASP A 234 12.87 23.63 -7.49
N GLY A 235 12.31 22.58 -8.07
CA GLY A 235 12.06 22.50 -9.53
C GLY A 235 13.25 22.32 -10.51
N LYS A 236 14.43 21.92 -10.00
CA LYS A 236 15.64 21.82 -10.85
C LYS A 236 15.89 20.36 -11.30
N ALA A 237 16.84 20.15 -12.23
CA ALA A 237 17.32 18.81 -12.57
C ALA A 237 18.02 18.19 -11.37
N ILE A 238 17.87 16.88 -11.23
CA ILE A 238 18.52 16.16 -10.18
C ILE A 238 19.76 15.55 -10.77
N ASP A 239 20.84 15.61 -10.03
CA ASP A 239 22.04 14.89 -10.37
C ASP A 239 21.85 13.42 -9.96
N HIS A 240 21.84 12.52 -10.96
CA HIS A 240 21.74 11.06 -10.68
C HIS A 240 22.82 10.53 -9.77
N LEU A 241 23.95 11.23 -9.73
CA LEU A 241 25.09 10.83 -8.85
C LEU A 241 24.96 11.22 -7.37
N LYS A 242 24.19 12.26 -7.06
CA LYS A 242 24.17 12.80 -5.69
C LYS A 242 22.76 12.87 -5.21
N GLY A 243 22.49 12.42 -4.01
CA GLY A 243 21.07 12.55 -3.61
C GLY A 243 20.56 14.01 -3.69
N ALA A 244 19.26 14.22 -3.97
CA ALA A 244 18.60 15.50 -3.59
C ALA A 244 17.10 15.38 -3.26
N PRO A 245 16.57 16.32 -2.42
CA PRO A 245 15.16 16.27 -2.10
C PRO A 245 14.37 16.26 -3.41
N PHE A 246 13.35 15.40 -3.52
CA PHE A 246 12.78 15.12 -4.85
C PHE A 246 11.30 14.86 -4.89
N ILE A 247 10.71 15.08 -6.06
CA ILE A 247 9.31 14.77 -6.33
C ILE A 247 9.23 14.11 -7.66
N ILE A 248 8.42 13.08 -7.76
CA ILE A 248 8.02 12.59 -9.06
C ILE A 248 6.48 12.78 -9.14
N SER A 249 6.03 13.37 -10.21
CA SER A 249 4.68 13.89 -10.25
C SER A 249 4.04 13.84 -11.63
N ASN A 250 2.73 13.58 -11.63
CA ASN A 250 1.92 13.88 -12.80
C ASN A 250 2.25 15.32 -13.24
N LYS A 251 2.17 15.61 -14.52
CA LYS A 251 2.48 16.95 -15.01
C LYS A 251 1.53 18.04 -14.45
N ALA A 252 0.27 17.70 -14.29
CA ALA A 252 -0.72 18.72 -14.01
C ALA A 252 -0.80 19.03 -12.53
N CYS A 253 -0.04 18.34 -11.68
CA CYS A 253 -0.11 18.71 -10.26
C CYS A 253 1.26 19.08 -9.62
N HIS A 254 2.30 19.05 -10.44
CA HIS A 254 3.71 19.24 -9.99
C HIS A 254 3.95 20.65 -9.42
N GLU A 255 3.48 21.64 -10.16
CA GLU A 255 3.64 23.04 -9.73
C GLU A 255 2.96 23.34 -8.38
N THR A 256 1.70 22.90 -8.26
CA THR A 256 0.98 23.10 -7.03
C THR A 256 1.69 22.40 -5.87
N VAL A 257 2.17 21.17 -6.05
CA VAL A 257 2.82 20.47 -4.93
C VAL A 257 4.10 21.21 -4.49
N LEU A 258 4.92 21.64 -5.46
CA LEU A 258 6.14 22.33 -5.12
C LEU A 258 5.83 23.64 -4.44
N LYS A 259 4.76 24.32 -4.82
CA LYS A 259 4.50 25.56 -4.13
C LYS A 259 4.00 25.32 -2.74
N ILE A 260 3.16 24.31 -2.55
CA ILE A 260 2.74 23.94 -1.19
C ILE A 260 3.99 23.58 -0.31
N LEU A 261 4.93 22.76 -0.84
CA LEU A 261 6.18 22.46 -0.13
C LEU A 261 7.02 23.69 0.28
N ASN A 262 7.19 24.67 -0.61
CA ASN A 262 8.04 25.81 -0.28
C ASN A 262 7.34 26.96 0.39
N ALA A 263 6.00 26.93 0.44
CA ALA A 263 5.21 27.94 1.17
C ALA A 263 5.65 28.09 2.61
N ASN A 264 5.59 29.33 3.09
CA ASN A 264 5.63 29.66 4.54
C ASN A 264 6.95 29.26 5.18
N GLY A 265 8.04 29.42 4.41
CA GLY A 265 9.37 29.07 4.89
C GLY A 265 9.78 27.64 4.61
N GLY A 266 8.89 26.85 3.96
CA GLY A 266 9.24 25.48 3.49
C GLY A 266 8.77 24.33 4.37
N TYR A 267 9.28 23.13 4.13
CA TYR A 267 8.68 21.90 4.69
C TYR A 267 9.48 21.24 5.83
N GLN A 268 10.63 21.82 6.19
CA GLN A 268 11.42 21.30 7.30
C GLN A 268 10.68 21.59 8.63
N LYS A 269 10.92 20.77 9.64
CA LYS A 269 10.26 21.01 10.93
C LYS A 269 10.72 22.29 11.63
N TYR A 270 11.97 22.68 11.40
CA TYR A 270 12.46 23.98 11.82
C TYR A 270 12.56 24.88 10.57
N ARG A 271 11.76 25.96 10.50
CA ARG A 271 11.67 26.79 9.26
C ARG A 271 11.87 28.27 9.54
N LYS B 10 -21.05 -27.91 10.65
CA LYS B 10 -21.57 -28.81 9.55
C LYS B 10 -22.30 -27.99 8.46
N THR B 11 -23.20 -27.13 8.92
CA THR B 11 -23.95 -26.22 8.09
C THR B 11 -23.13 -24.99 7.66
N LEU B 12 -22.25 -24.48 8.54
CA LEU B 12 -21.42 -23.36 8.17
C LEU B 12 -20.55 -23.71 6.95
N GLN B 13 -20.07 -24.95 6.93
CA GLN B 13 -19.21 -25.38 5.86
C GLN B 13 -20.04 -25.34 4.59
N GLN B 14 -21.29 -25.77 4.64
CA GLN B 14 -22.06 -25.71 3.39
C GLN B 14 -22.43 -24.29 2.93
N ILE B 15 -22.72 -23.38 3.85
CA ILE B 15 -22.99 -21.99 3.48
C ILE B 15 -21.67 -21.37 2.93
N ASP B 16 -20.55 -21.62 3.60
CA ASP B 16 -19.24 -21.18 3.10
C ASP B 16 -18.94 -21.59 1.63
N LYS B 17 -19.11 -22.86 1.28
CA LYS B 17 -19.02 -23.28 -0.12
C LYS B 17 -19.85 -22.44 -1.12
N LEU B 18 -21.08 -22.12 -0.75
CA LEU B 18 -21.95 -21.25 -1.54
C LEU B 18 -21.37 -19.84 -1.64
N ILE B 19 -20.83 -19.31 -0.55
CA ILE B 19 -20.32 -17.94 -0.56
C ILE B 19 -19.10 -17.91 -1.45
N CYS B 20 -18.23 -18.90 -1.27
CA CYS B 20 -16.99 -19.01 -2.01
C CYS B 20 -17.30 -19.13 -3.49
N SER B 21 -18.40 -19.82 -3.79
CA SER B 21 -18.95 -19.90 -5.15
C SER B 21 -19.56 -18.62 -5.71
N TRP B 22 -20.21 -17.84 -4.86
CA TRP B 22 -20.79 -16.63 -5.39
C TRP B 22 -19.61 -15.67 -5.67
N LEU B 23 -18.57 -15.76 -4.84
CA LEU B 23 -17.35 -14.96 -4.99
C LEU B 23 -16.55 -15.33 -6.22
N LYS B 24 -16.77 -16.54 -6.76
CA LYS B 24 -16.11 -16.99 -8.00
C LYS B 24 -16.82 -16.44 -9.21
N GLN B 25 -18.15 -16.42 -9.15
CA GLN B 25 -18.96 -15.81 -10.21
C GLN B 25 -18.57 -14.32 -10.36
N ILE B 26 -18.33 -13.65 -9.20
CA ILE B 26 -18.05 -12.21 -9.11
C ILE B 26 -16.75 -11.75 -9.85
N ASP B 27 -15.68 -12.57 -9.77
CA ASP B 27 -14.48 -12.41 -10.64
C ASP B 27 -14.78 -12.29 -12.13
N ASN B 28 -15.86 -12.95 -12.55
CA ASN B 28 -16.22 -12.94 -13.94
C ASN B 28 -17.15 -11.78 -14.28
N VAL B 29 -17.73 -11.14 -13.26
CA VAL B 29 -18.69 -10.01 -13.42
C VAL B 29 -17.98 -8.65 -13.28
N ILE B 30 -17.03 -8.55 -12.36
CA ILE B 30 -16.38 -7.27 -12.08
C ILE B 30 -15.69 -6.60 -13.32
N PRO B 31 -14.96 -7.38 -14.15
CA PRO B 31 -14.38 -6.80 -15.37
C PRO B 31 -15.37 -5.99 -16.22
N GLN B 32 -16.60 -6.51 -16.33
CA GLN B 32 -17.70 -5.91 -17.13
C GLN B 32 -18.18 -4.63 -16.48
N LEU B 33 -18.35 -4.69 -15.17
CA LEU B 33 -18.73 -3.54 -14.38
C LEU B 33 -17.71 -2.44 -14.51
N ILE B 34 -16.43 -2.77 -14.39
CA ILE B 34 -15.38 -1.76 -14.56
C ILE B 34 -15.35 -1.22 -15.99
N MET B 35 -15.54 -2.11 -16.95
CA MET B 35 -15.55 -1.72 -18.35
C MET B 35 -16.58 -0.60 -18.57
N GLU B 36 -17.72 -0.73 -17.93
CA GLU B 36 -18.76 0.29 -18.06
C GLU B 36 -18.86 1.18 -16.77
N MET B 37 -17.73 1.40 -16.09
CA MET B 37 -17.76 2.13 -14.82
C MET B 37 -18.38 3.52 -14.88
N THR B 38 -19.35 3.76 -14.00
CA THR B 38 -19.80 5.13 -13.74
C THR B 38 -19.65 5.46 -12.26
N THR B 39 -19.47 6.74 -11.98
CA THR B 39 -19.07 7.23 -10.68
C THR B 39 -19.99 8.34 -10.24
N GLU B 40 -20.53 8.27 -9.02
CA GLU B 40 -21.26 9.40 -8.42
C GLU B 40 -20.69 9.75 -7.05
N THR B 41 -21.00 10.96 -6.57
CA THR B 41 -20.62 11.36 -5.21
C THR B 41 -21.83 11.22 -4.30
N LYS B 42 -21.62 10.93 -3.01
CA LYS B 42 -22.76 10.88 -2.10
C LYS B 42 -22.81 12.14 -1.22
N ARG B 43 -22.23 12.03 -0.03
CA ARG B 43 -22.23 13.11 0.97
C ARG B 43 -21.38 14.39 0.59
N HIS B 44 -20.33 14.20 -0.19
CA HIS B 44 -19.40 15.27 -0.64
C HIS B 44 -18.50 14.65 -1.73
N ARG B 45 -17.65 15.47 -2.33
CA ARG B 45 -16.80 15.06 -3.46
C ARG B 45 -15.83 13.90 -3.16
N PHE B 46 -15.49 13.67 -1.90
CA PHE B 46 -14.55 12.58 -1.57
C PHE B 46 -15.26 11.28 -1.20
N ASP B 47 -16.58 11.30 -1.22
CA ASP B 47 -17.44 10.15 -0.89
C ASP B 47 -18.04 9.47 -2.16
N LEU B 48 -17.33 8.49 -2.70
CA LEU B 48 -17.66 7.97 -4.03
C LEU B 48 -18.56 6.72 -4.03
N VAL B 49 -19.35 6.56 -5.09
CA VAL B 49 -20.03 5.29 -5.36
C VAL B 49 -20.05 4.99 -6.85
N THR B 50 -19.85 3.74 -7.22
CA THR B 50 -19.85 3.35 -8.61
C THR B 50 -20.94 2.30 -8.82
N ASN B 51 -21.23 2.06 -10.07
CA ASN B 51 -22.05 0.94 -10.41
C ASN B 51 -21.43 -0.36 -9.91
N VAL B 52 -20.09 -0.44 -9.74
CA VAL B 52 -19.46 -1.67 -9.20
C VAL B 52 -20.02 -1.89 -7.80
N ASP B 53 -20.02 -0.87 -6.93
CA ASP B 53 -20.58 -1.02 -5.56
C ASP B 53 -22.06 -1.49 -5.58
N LYS B 54 -22.90 -0.78 -6.34
CA LYS B 54 -24.33 -1.05 -6.39
C LYS B 54 -24.64 -2.45 -6.92
N GLN B 55 -23.87 -2.89 -7.91
CA GLN B 55 -24.24 -4.10 -8.63
C GLN B 55 -23.81 -5.38 -7.91
N ILE B 56 -22.58 -5.38 -7.36
CA ILE B 56 -22.12 -6.42 -6.45
C ILE B 56 -23.11 -6.57 -5.31
N GLN B 57 -23.54 -5.45 -4.74
CA GLN B 57 -24.51 -5.49 -3.67
C GLN B 57 -25.87 -6.07 -4.09
N GLN B 58 -26.42 -5.58 -5.18
CA GLN B 58 -27.72 -6.09 -5.63
C GLN B 58 -27.65 -7.57 -5.98
N GLN B 59 -26.49 -8.01 -6.45
CA GLN B 59 -26.33 -9.40 -6.82
C GLN B 59 -26.22 -10.28 -5.60
N PHE B 60 -25.68 -9.72 -4.53
CA PHE B 60 -25.67 -10.46 -3.29
C PHE B 60 -27.07 -10.55 -2.75
N GLN B 61 -27.77 -9.42 -2.77
N GLN B 61 -27.80 -9.43 -2.75
CA GLN B 61 -29.16 -9.35 -2.39
CA GLN B 61 -29.19 -9.41 -2.30
C GLN B 61 -29.93 -10.48 -3.08
C GLN B 61 -29.99 -10.46 -3.09
N GLN B 62 -29.67 -10.61 -4.38
CA GLN B 62 -30.24 -11.69 -5.23
C GLN B 62 -29.95 -13.08 -4.68
N PHE B 63 -28.67 -13.31 -4.34
CA PHE B 63 -28.20 -14.58 -3.85
C PHE B 63 -28.95 -14.97 -2.60
N LEU B 64 -29.24 -13.97 -1.78
CA LEU B 64 -29.81 -14.19 -0.46
C LEU B 64 -31.30 -14.49 -0.64
N ALA B 65 -31.91 -13.77 -1.58
CA ALA B 65 -33.29 -13.97 -1.93
C ALA B 65 -33.52 -15.34 -2.58
N THR B 66 -32.56 -15.79 -3.38
CA THR B 66 -32.61 -17.13 -3.99
C THR B 66 -32.39 -18.31 -2.97
N TYR B 67 -31.47 -18.17 -2.02
CA TYR B 67 -31.04 -19.33 -1.21
C TYR B 67 -31.45 -19.24 0.27
N PHE B 68 -31.52 -18.01 0.81
CA PHE B 68 -31.87 -17.73 2.21
C PHE B 68 -32.84 -16.54 2.36
N PRO B 69 -34.06 -16.67 1.83
CA PRO B 69 -34.85 -15.41 1.80
C PRO B 69 -35.37 -14.82 3.15
N GLU B 70 -35.17 -15.52 4.28
CA GLU B 70 -35.45 -14.94 5.62
C GLU B 70 -34.22 -14.29 6.22
N HIS B 71 -33.08 -14.40 5.52
CA HIS B 71 -31.85 -13.73 5.97
C HIS B 71 -32.00 -12.28 5.57
N GLN B 72 -31.55 -11.40 6.45
CA GLN B 72 -31.66 -9.99 6.21
C GLN B 72 -30.31 -9.43 5.84
N LEU B 73 -30.32 -8.28 5.17
CA LEU B 73 -29.11 -7.67 4.68
C LEU B 73 -28.96 -6.20 5.15
N LEU B 74 -27.83 -5.91 5.77
CA LEU B 74 -27.47 -4.55 6.16
C LEU B 74 -26.26 -4.17 5.30
N ALA B 75 -26.50 -3.26 4.36
CA ALA B 75 -25.44 -2.98 3.37
C ALA B 75 -25.29 -1.50 3.07
N GLU B 76 -24.13 -1.15 2.54
CA GLU B 76 -23.77 0.24 2.42
C GLU B 76 -24.66 1.03 1.45
N GLU B 77 -24.97 0.47 0.29
CA GLU B 77 -25.61 1.28 -0.73
C GLU B 77 -27.12 1.16 -0.76
N LYS B 78 -27.72 1.03 0.44
CA LYS B 78 -29.20 0.99 0.57
C LYS B 78 -29.63 1.45 1.95
N SER B 79 -30.91 1.79 2.08
CA SER B 79 -31.51 2.09 3.36
C SER B 79 -31.45 0.84 4.28
N ASN B 80 -31.19 1.06 5.57
CA ASN B 80 -31.17 -0.02 6.53
C ASN B 80 -32.07 0.16 7.77
N ALA B 81 -33.27 0.72 7.61
CA ALA B 81 -34.32 0.70 8.66
C ALA B 81 -34.69 -0.76 9.15
N MET B 82 -33.97 -1.25 10.19
CA MET B 82 -34.02 -2.68 10.71
C MET B 82 -33.38 -2.94 12.13
N ILE B 83 -33.61 -4.13 12.73
CA ILE B 83 -33.64 -4.31 14.23
C ILE B 83 -32.44 -4.70 15.12
N THR B 84 -32.73 -4.64 16.43
CA THR B 84 -31.79 -4.48 17.55
C THR B 84 -31.76 -5.71 18.47
N GLU B 86 -34.57 -9.13 18.07
CA GLU B 86 -34.08 -8.74 16.75
C GLU B 86 -33.55 -9.91 15.93
N ILE B 87 -32.85 -9.60 14.82
CA ILE B 87 -32.68 -10.53 13.70
C ILE B 87 -31.88 -11.77 13.96
N ASN B 88 -32.40 -12.91 13.49
CA ASN B 88 -31.73 -14.20 13.64
C ASN B 88 -30.62 -14.49 12.63
N HIS B 89 -30.91 -14.23 11.36
CA HIS B 89 -29.96 -14.29 10.26
C HIS B 89 -29.67 -12.93 9.63
N LEU B 90 -28.43 -12.49 9.82
CA LEU B 90 -28.03 -11.17 9.39
C LEU B 90 -26.73 -11.21 8.65
N TRP B 91 -26.78 -10.65 7.45
CA TRP B 91 -25.58 -10.43 6.65
C TRP B 91 -25.28 -8.95 6.59
N ILE B 92 -24.00 -8.64 6.76
CA ILE B 92 -23.53 -7.28 6.62
C ILE B 92 -22.50 -7.27 5.52
N MET B 93 -22.66 -6.29 4.62
CA MET B 93 -21.90 -6.28 3.39
C MET B 93 -21.41 -4.90 3.07
N ASP B 94 -20.12 -4.84 2.80
CA ASP B 94 -19.59 -3.62 2.18
C ASP B 94 -19.25 -4.01 0.75
N PRO B 95 -20.08 -3.57 -0.22
CA PRO B 95 -19.94 -4.21 -1.56
C PRO B 95 -18.63 -3.87 -2.22
N ILE B 96 -18.20 -2.62 -2.05
CA ILE B 96 -16.79 -2.26 -2.31
C ILE B 96 -16.32 -1.35 -1.19
N ASP B 97 -15.35 -1.85 -0.44
CA ASP B 97 -14.69 -1.09 0.60
C ASP B 97 -13.36 -0.56 0.03
N GLY B 98 -13.15 0.74 0.00
CA GLY B 98 -12.03 1.30 -0.76
C GLY B 98 -12.50 1.81 -2.12
N THR B 99 -13.66 2.45 -2.16
CA THR B 99 -14.17 3.03 -3.40
C THR B 99 -13.28 4.14 -3.93
N ALA B 100 -12.75 4.99 -3.05
CA ALA B 100 -11.78 5.96 -3.53
C ALA B 100 -10.60 5.20 -4.21
N ASN B 101 -10.20 4.08 -3.65
CA ASN B 101 -9.06 3.33 -4.27
C ASN B 101 -9.44 2.67 -5.57
N LEU B 102 -10.65 2.13 -5.60
CA LEU B 102 -11.19 1.60 -6.85
C LEU B 102 -11.12 2.64 -7.97
N VAL B 103 -11.72 3.79 -7.73
CA VAL B 103 -11.82 4.80 -8.79
C VAL B 103 -10.45 5.41 -9.08
N LYS B 104 -9.70 5.76 -8.02
CA LYS B 104 -8.46 6.52 -8.23
C LYS B 104 -7.27 5.67 -8.70
N GLN B 105 -7.26 4.40 -8.33
CA GLN B 105 -6.08 3.54 -8.49
C GLN B 105 -6.40 2.20 -9.15
N GLN B 106 -7.70 1.84 -9.17
CA GLN B 106 -8.15 0.50 -9.62
C GLN B 106 -7.35 -0.62 -8.98
N GLU B 107 -7.08 -0.48 -7.68
CA GLU B 107 -6.29 -1.39 -6.90
C GLU B 107 -6.64 -1.06 -5.41
N ASP B 108 -6.31 -1.95 -4.47
CA ASP B 108 -6.52 -1.71 -3.02
C ASP B 108 -7.95 -1.43 -2.59
N TYR B 109 -8.83 -2.30 -3.00
CA TYR B 109 -10.23 -2.30 -2.56
C TYR B 109 -10.62 -3.75 -2.34
N CYS B 110 -11.71 -3.98 -1.60
CA CYS B 110 -12.13 -5.33 -1.26
C CYS B 110 -13.65 -5.35 -1.15
N ILE B 111 -14.20 -6.56 -1.07
CA ILE B 111 -15.61 -6.82 -0.72
C ILE B 111 -15.54 -7.32 0.70
N ILE B 112 -16.36 -6.75 1.59
CA ILE B 112 -16.45 -7.20 2.99
C ILE B 112 -17.86 -7.80 3.22
N LEU B 113 -17.90 -9.04 3.72
CA LEU B 113 -19.18 -9.75 4.02
C LEU B 113 -19.09 -10.49 5.33
N ALA B 114 -20.18 -10.53 6.10
CA ALA B 114 -20.15 -11.17 7.44
C ALA B 114 -21.52 -11.62 7.76
N TYR B 115 -21.60 -12.84 8.31
CA TYR B 115 -22.87 -13.43 8.64
C TYR B 115 -22.88 -13.58 10.13
N PHE B 116 -23.98 -13.11 10.75
CA PHE B 116 -24.27 -13.23 12.19
C PHE B 116 -25.50 -14.07 12.49
N TYR B 117 -25.33 -15.04 13.38
CA TYR B 117 -26.42 -15.91 13.80
C TYR B 117 -26.78 -15.63 15.24
N GLU B 118 -28.02 -15.18 15.46
CA GLU B 118 -28.46 -14.66 16.76
C GLU B 118 -27.43 -13.69 17.32
N GLY B 119 -26.97 -12.73 16.51
CA GLY B 119 -25.98 -11.74 16.98
C GLY B 119 -24.53 -12.22 17.15
N LYS B 120 -24.25 -13.48 16.84
CA LYS B 120 -22.93 -14.04 17.04
C LYS B 120 -22.22 -14.22 15.67
N PRO B 121 -21.00 -13.70 15.51
CA PRO B 121 -20.44 -13.82 14.15
C PRO B 121 -20.09 -15.24 13.82
N MET B 122 -20.39 -15.71 12.59
CA MET B 122 -20.19 -17.09 12.18
C MET B 122 -19.33 -17.25 10.95
N LEU B 123 -19.43 -16.34 9.99
CA LEU B 123 -18.69 -16.46 8.76
C LEU B 123 -18.27 -15.08 8.34
N SER B 124 -17.03 -14.90 7.92
CA SER B 124 -16.55 -13.58 7.56
C SER B 124 -15.67 -13.64 6.31
N TYR B 125 -15.82 -12.65 5.47
CA TYR B 125 -15.12 -12.63 4.20
C TYR B 125 -14.57 -11.25 3.95
N VAL B 126 -13.27 -11.20 3.66
CA VAL B 126 -12.69 -9.96 3.06
C VAL B 126 -11.99 -10.38 1.77
N TYR B 127 -12.61 -10.09 0.61
CA TYR B 127 -12.06 -10.47 -0.71
C TYR B 127 -11.27 -9.32 -1.38
N ASP B 128 -9.94 -9.48 -1.38
CA ASP B 128 -9.00 -8.65 -2.13
C ASP B 128 -9.06 -9.09 -3.57
N TYR B 129 -10.01 -8.52 -4.29
CA TYR B 129 -10.26 -8.87 -5.64
C TYR B 129 -9.10 -8.54 -6.59
N PRO B 130 -8.49 -7.32 -6.50
CA PRO B 130 -7.30 -7.06 -7.35
C PRO B 130 -6.14 -8.08 -7.25
N HIS B 131 -5.90 -8.67 -6.06
CA HIS B 131 -4.90 -9.75 -5.91
C HIS B 131 -5.45 -11.15 -5.83
N LYS B 132 -6.75 -11.29 -6.04
CA LYS B 132 -7.34 -12.60 -6.00
C LYS B 132 -6.95 -13.32 -4.68
N LYS B 133 -7.07 -12.60 -3.56
CA LYS B 133 -6.79 -13.20 -2.25
C LYS B 133 -8.06 -13.10 -1.38
N LEU B 134 -8.62 -14.26 -1.04
CA LEU B 134 -9.80 -14.31 -0.17
C LEU B 134 -9.43 -14.65 1.27
N TYR B 135 -9.62 -13.69 2.16
CA TYR B 135 -9.54 -13.94 3.57
C TYR B 135 -10.94 -14.35 4.04
N LYS B 136 -11.01 -15.50 4.70
CA LYS B 136 -12.23 -15.97 5.26
C LYS B 136 -12.00 -16.47 6.64
N ALA B 137 -13.03 -16.35 7.45
CA ALA B 137 -13.07 -16.87 8.81
C ALA B 137 -14.36 -17.65 9.00
N ILE B 138 -14.21 -18.84 9.58
CA ILE B 138 -15.29 -19.76 9.75
C ILE B 138 -15.25 -20.23 11.18
N ARG B 139 -16.32 -19.92 11.92
CA ARG B 139 -16.43 -20.36 13.31
C ARG B 139 -16.42 -21.90 13.45
N GLY B 140 -15.59 -22.41 14.35
CA GLY B 140 -15.33 -23.83 14.41
C GLY B 140 -14.17 -24.36 13.57
N GLU B 141 -13.65 -23.57 12.59
CA GLU B 141 -12.63 -24.09 11.66
C GLU B 141 -11.36 -23.24 11.66
N GLY B 142 -11.51 -21.92 11.52
CA GLY B 142 -10.38 -21.02 11.60
C GLY B 142 -10.48 -19.88 10.60
N ALA B 143 -9.33 -19.25 10.36
CA ALA B 143 -9.18 -18.15 9.44
C ALA B 143 -8.23 -18.61 8.35
N PHE B 144 -8.49 -18.19 7.12
CA PHE B 144 -7.76 -18.67 5.99
C PHE B 144 -7.52 -17.55 5.02
N CYS B 145 -6.42 -17.64 4.29
CA CYS B 145 -6.10 -16.81 3.14
C CYS B 145 -5.91 -17.72 1.92
N ASN B 146 -6.86 -17.64 1.00
CA ASN B 146 -6.94 -18.63 -0.07
C ASN B 146 -6.78 -20.09 0.41
N GLY B 147 -7.47 -20.43 1.49
CA GLY B 147 -7.46 -21.81 1.97
C GLY B 147 -6.32 -22.32 2.84
N ILE B 148 -5.21 -21.59 2.96
CA ILE B 148 -4.11 -21.91 3.93
C ILE B 148 -4.38 -21.18 5.26
N LYS B 149 -4.31 -21.97 6.33
CA LYS B 149 -4.68 -21.54 7.67
C LYS B 149 -3.82 -20.38 8.18
N MET B 150 -4.46 -19.29 8.58
CA MET B 150 -3.76 -18.18 9.23
C MET B 150 -3.64 -18.52 10.71
N GLU B 151 -2.53 -18.12 11.31
CA GLU B 151 -2.33 -18.39 12.73
C GLU B 151 -2.26 -17.06 13.45
N GLU B 152 -2.50 -17.05 14.76
CA GLU B 152 -2.26 -15.85 15.56
C GLU B 152 -0.90 -15.21 15.17
N PRO B 153 -0.90 -13.89 14.88
CA PRO B 153 0.37 -13.25 14.56
C PRO B 153 1.33 -13.24 15.78
N PRO B 154 2.66 -13.09 15.53
CA PRO B 154 3.60 -12.92 16.71
C PRO B 154 3.22 -11.67 17.54
N SER B 155 3.54 -11.65 18.82
CA SER B 155 3.37 -10.42 19.61
C SER B 155 4.12 -9.27 18.98
N LEU B 156 3.46 -8.11 18.91
CA LEU B 156 4.09 -6.86 18.49
C LEU B 156 3.78 -5.77 19.50
N LYS B 157 4.83 -5.27 20.14
CA LYS B 157 4.76 -4.02 20.88
C LYS B 157 4.81 -2.85 19.93
N LEU B 158 4.24 -1.72 20.38
CA LEU B 158 3.94 -0.60 19.51
C LEU B 158 5.18 -0.13 18.78
N GLU B 159 6.28 -0.07 19.53
CA GLU B 159 7.50 0.53 19.02
C GLU B 159 8.17 -0.34 17.96
N ASP B 160 7.69 -1.59 17.83
CA ASP B 160 8.15 -2.52 16.82
C ASP B 160 7.15 -2.67 15.67
N ALA B 161 6.04 -1.91 15.71
CA ALA B 161 4.92 -2.16 14.79
C ALA B 161 4.74 -1.02 13.82
N ILE B 162 4.36 -1.36 12.60
CA ILE B 162 3.87 -0.35 11.67
C ILE B 162 2.43 -0.13 12.03
N ILE B 163 2.01 1.12 12.04
CA ILE B 163 0.59 1.35 12.22
C ILE B 163 -0.08 2.12 11.10
N SER B 164 -1.40 1.96 11.03
CA SER B 164 -2.18 2.53 9.94
C SER B 164 -3.43 3.22 10.45
N PHE B 165 -3.69 4.39 9.89
CA PHE B 165 -4.83 5.21 10.23
C PHE B 165 -4.91 6.41 9.30
N ASN B 166 -6.09 7.03 9.26
CA ASN B 166 -6.33 8.24 8.54
C ASN B 166 -5.82 9.40 9.34
N ALA B 167 -4.78 10.06 8.85
CA ALA B 167 -4.19 11.11 9.60
C ALA B 167 -4.96 12.43 9.45
N GLN B 168 -5.81 12.54 8.42
CA GLN B 168 -6.52 13.80 8.13
C GLN B 168 -7.72 14.11 9.08
N VAL B 169 -8.12 13.10 9.87
CA VAL B 169 -9.30 13.17 10.70
C VAL B 169 -8.98 13.36 12.22
N MET B 170 -7.69 13.47 12.56
CA MET B 170 -7.24 13.57 13.97
C MET B 170 -6.48 14.87 14.11
N ASN B 171 -6.39 15.45 15.28
CA ASN B 171 -5.49 16.61 15.44
C ASN B 171 -4.06 16.12 15.29
N LEU B 172 -3.16 17.04 14.92
CA LEU B 172 -1.81 16.70 14.50
C LEU B 172 -0.91 16.36 15.68
N ASP B 173 -1.25 16.84 16.86
CA ASP B 173 -0.46 16.46 18.05
C ASP B 173 -0.55 14.94 18.31
N THR B 174 -1.78 14.41 18.36
CA THR B 174 -2.02 12.94 18.47
C THR B 174 -1.35 12.18 17.30
N VAL B 175 -1.50 12.66 16.07
CA VAL B 175 -0.79 11.98 14.93
C VAL B 175 0.70 11.85 15.25
N GLN B 176 1.28 12.97 15.68
CA GLN B 176 2.66 12.95 16.05
C GLN B 176 3.00 12.00 17.23
N ASP B 177 2.17 11.97 18.29
CA ASP B 177 2.41 11.00 19.35
C ASP B 177 2.36 9.59 18.78
N LEU B 178 1.41 9.31 17.89
CA LEU B 178 1.33 7.99 17.22
C LEU B 178 2.62 7.70 16.40
N PHE B 179 3.11 8.69 15.63
CA PHE B 179 4.35 8.57 14.85
C PHE B 179 5.52 8.24 15.76
N ASP B 180 5.59 8.95 16.90
CA ASP B 180 6.70 8.78 17.84
C ASP B 180 6.68 7.44 18.58
N ALA B 181 5.53 6.84 18.82
CA ALA B 181 5.52 5.60 19.59
C ALA B 181 5.64 4.35 18.69
N SER B 182 5.39 4.47 17.40
CA SER B 182 5.37 3.25 16.62
C SER B 182 6.61 3.10 15.77
N PHE B 183 6.73 1.98 15.06
CA PHE B 183 7.95 1.76 14.33
C PHE B 183 7.90 2.59 13.04
N SER B 184 6.75 2.54 12.34
CA SER B 184 6.53 3.44 11.20
C SER B 184 5.05 3.55 10.87
N TYR B 185 4.73 4.33 9.87
CA TYR B 185 3.34 4.53 9.49
C TYR B 185 3.16 4.19 8.01
N ARG B 186 2.13 3.41 7.69
CA ARG B 186 1.74 3.15 6.30
C ARG B 186 0.20 3.34 6.23
N LEU B 187 -0.33 3.40 5.02
CA LEU B 187 -1.78 3.33 4.84
C LEU B 187 -2.16 2.69 3.51
N VAL B 188 -3.02 1.65 3.56
CA VAL B 188 -3.56 1.04 2.34
C VAL B 188 -4.77 1.82 1.77
N GLY B 189 -5.64 2.27 2.66
CA GLY B 189 -6.74 3.09 2.21
C GLY B 189 -8.05 2.31 2.08
N ALA B 190 -8.07 1.07 2.57
CA ALA B 190 -9.31 0.29 2.63
C ALA B 190 -9.35 -0.38 3.97
N CYS B 191 -10.39 -0.06 4.74
CA CYS B 191 -10.55 -0.59 6.15
C CYS B 191 -10.38 -2.09 6.22
N GLY B 192 -11.09 -2.81 5.37
CA GLY B 192 -10.88 -4.28 5.29
C GLY B 192 -9.45 -4.73 5.02
N LEU B 193 -8.69 -4.02 4.17
CA LEU B 193 -7.35 -4.48 3.81
C LEU B 193 -6.31 -4.03 4.87
N ASP B 194 -6.43 -2.78 5.36
CA ASP B 194 -5.59 -2.36 6.50
C ASP B 194 -5.82 -3.27 7.71
N SER B 195 -7.07 -3.66 7.98
CA SER B 195 -7.35 -4.66 9.07
C SER B 195 -6.74 -6.05 8.83
N MET B 196 -6.76 -6.54 7.58
CA MET B 196 -6.12 -7.85 7.25
C MET B 196 -4.63 -7.81 7.50
N ARG B 197 -4.03 -6.65 7.25
CA ARG B 197 -2.61 -6.49 7.58
C ARG B 197 -2.36 -6.71 9.08
N VAL B 198 -3.29 -6.26 9.91
CA VAL B 198 -3.14 -6.49 11.35
C VAL B 198 -3.23 -7.97 11.57
N ALA B 199 -4.23 -8.61 10.98
CA ALA B 199 -4.48 -10.07 11.12
C ALA B 199 -3.28 -10.91 10.67
N LYS B 200 -2.57 -10.42 9.66
CA LYS B 200 -1.42 -11.15 9.15
C LYS B 200 -0.22 -10.84 9.99
N GLY B 201 -0.25 -9.78 10.83
CA GLY B 201 0.97 -9.43 11.53
C GLY B 201 1.94 -8.50 10.79
N GLN B 202 1.50 -7.95 9.67
CA GLN B 202 2.28 -6.95 8.97
C GLN B 202 2.15 -5.58 9.60
N PHE B 203 1.01 -5.28 10.20
CA PHE B 203 0.77 -4.04 10.94
C PHE B 203 0.49 -4.46 12.39
N GLY B 204 0.69 -3.51 13.31
CA GLY B 204 0.33 -3.69 14.70
C GLY B 204 -1.13 -3.29 14.93
N ALA B 205 -1.65 -2.28 14.22
CA ALA B 205 -3.00 -1.79 14.52
C ALA B 205 -3.45 -0.97 13.38
N HIS B 206 -4.75 -1.06 13.14
CA HIS B 206 -5.42 -0.19 12.22
C HIS B 206 -6.52 0.56 13.02
N ILE B 207 -6.59 1.89 12.88
CA ILE B 207 -7.62 2.71 13.52
C ILE B 207 -8.54 3.27 12.45
N ASN B 208 -9.84 3.32 12.71
CA ASN B 208 -10.74 4.12 11.90
C ASN B 208 -11.65 4.81 12.88
N THR B 209 -11.58 6.14 12.91
CA THR B 209 -12.31 6.86 13.97
C THR B 209 -13.82 7.06 13.69
N ASN B 210 -14.29 6.66 12.52
CA ASN B 210 -15.73 6.77 12.28
C ASN B 210 -16.20 5.71 11.26
N PRO B 211 -16.00 4.43 11.56
CA PRO B 211 -16.39 3.43 10.54
C PRO B 211 -17.91 3.22 10.55
N LYS B 212 -18.48 2.65 9.49
CA LYS B 212 -19.90 2.20 9.49
C LYS B 212 -19.94 0.69 9.75
N PRO B 213 -21.10 0.10 10.09
CA PRO B 213 -21.03 -1.33 10.47
C PRO B 213 -20.42 -2.27 9.42
N TRP B 214 -20.72 -1.98 8.13
CA TRP B 214 -20.15 -2.73 6.98
C TRP B 214 -18.63 -2.60 6.83
N ASP B 215 -18.05 -1.48 7.27
CA ASP B 215 -16.59 -1.28 7.24
C ASP B 215 -15.82 -2.23 8.07
N ILE B 216 -16.43 -2.72 9.15
CA ILE B 216 -15.72 -3.51 10.15
C ILE B 216 -16.36 -4.87 10.47
N ALA B 217 -17.49 -5.16 9.84
CA ALA B 217 -18.26 -6.38 10.16
C ALA B 217 -17.50 -7.72 10.04
N ALA B 218 -16.68 -7.88 9.00
CA ALA B 218 -15.95 -9.16 8.89
C ALA B 218 -14.95 -9.31 10.00
N GLN B 219 -14.42 -8.18 10.46
CA GLN B 219 -13.27 -8.21 11.39
C GLN B 219 -13.52 -8.86 12.76
N PHE B 220 -14.74 -8.84 13.26
CA PHE B 220 -15.03 -9.42 14.58
C PHE B 220 -14.56 -10.89 14.68
N LEU B 221 -14.94 -11.70 13.68
CA LEU B 221 -14.61 -13.12 13.69
C LEU B 221 -13.10 -13.38 13.51
N PHE B 222 -12.45 -12.68 12.57
CA PHE B 222 -10.99 -12.72 12.42
C PHE B 222 -10.33 -12.37 13.75
N ALA B 223 -10.75 -11.30 14.42
CA ALA B 223 -10.12 -10.89 15.73
C ALA B 223 -10.30 -11.97 16.77
N GLU B 224 -11.50 -12.55 16.80
CA GLU B 224 -11.73 -13.60 17.76
C GLU B 224 -10.89 -14.84 17.50
N LEU B 225 -10.90 -15.32 16.25
CA LEU B 225 -10.22 -16.61 15.94
C LEU B 225 -8.69 -16.54 15.96
N LEU B 226 -8.14 -15.33 15.76
CA LEU B 226 -6.70 -15.07 15.75
C LEU B 226 -6.19 -14.30 16.99
N ASN B 227 -7.03 -14.09 18.01
CA ASN B 227 -6.57 -13.48 19.28
C ASN B 227 -6.03 -12.04 19.07
N LEU B 228 -6.72 -11.31 18.18
CA LEU B 228 -6.53 -9.86 18.03
C LEU B 228 -7.38 -9.14 19.04
N LYS B 229 -7.15 -7.85 19.23
CA LYS B 229 -8.05 -7.01 20.03
C LYS B 229 -8.83 -6.14 19.08
N MET B 230 -10.14 -6.09 19.27
CA MET B 230 -11.00 -5.26 18.44
C MET B 230 -12.05 -4.58 19.29
N THR B 231 -11.88 -3.28 19.50
CA THR B 231 -12.69 -2.57 20.48
C THR B 231 -12.99 -1.18 19.95
N THR B 232 -13.84 -0.45 20.66
CA THR B 232 -13.94 0.98 20.49
C THR B 232 -12.65 1.61 21.03
N LEU B 233 -12.50 2.92 20.79
CA LEU B 233 -11.34 3.68 21.20
C LEU B 233 -11.42 4.03 22.68
N ASP B 234 -12.52 3.63 23.30
CA ASP B 234 -12.62 3.56 24.77
C ASP B 234 -12.44 2.15 25.33
N GLY B 235 -11.99 1.21 24.48
CA GLY B 235 -11.68 -0.17 24.90
C GLY B 235 -12.88 -1.09 25.10
N LYS B 236 -14.09 -0.65 24.72
CA LYS B 236 -15.33 -1.46 24.98
C LYS B 236 -15.68 -2.30 23.73
N ALA B 237 -16.60 -3.26 23.90
CA ALA B 237 -17.13 -4.05 22.79
C ALA B 237 -17.89 -3.14 21.83
N ILE B 238 -17.84 -3.46 20.55
CA ILE B 238 -18.45 -2.66 19.52
C ILE B 238 -19.72 -3.36 19.19
N ASP B 239 -20.80 -2.61 19.09
CA ASP B 239 -22.02 -3.12 18.59
C ASP B 239 -21.84 -3.34 17.05
N HIS B 240 -21.92 -4.59 16.60
CA HIS B 240 -21.80 -4.93 15.16
C HIS B 240 -22.86 -4.25 14.28
N LEU B 241 -23.95 -3.81 14.94
CA LEU B 241 -25.12 -3.19 14.29
C LEU B 241 -25.00 -1.68 14.12
N LYS B 242 -24.05 -1.07 14.87
CA LYS B 242 -23.93 0.37 14.90
C LYS B 242 -22.48 0.81 14.77
N GLY B 243 -22.24 1.86 14.00
CA GLY B 243 -20.83 2.33 13.91
C GLY B 243 -20.25 2.55 15.32
N ALA B 244 -18.95 2.39 15.51
CA ALA B 244 -18.27 3.13 16.61
C ALA B 244 -16.82 3.44 16.22
N PRO B 245 -16.23 4.52 16.79
CA PRO B 245 -14.77 4.66 16.59
C PRO B 245 -14.07 3.36 17.05
N PHE B 246 -13.21 2.79 16.22
CA PHE B 246 -12.73 1.43 16.46
C PHE B 246 -11.24 1.21 16.22
N ILE B 247 -10.69 0.19 16.85
CA ILE B 247 -9.33 -0.23 16.58
C ILE B 247 -9.31 -1.75 16.44
N ILE B 248 -8.51 -2.22 15.50
CA ILE B 248 -8.15 -3.62 15.45
C ILE B 248 -6.65 -3.64 15.65
N SER B 249 -6.20 -4.49 16.58
CA SER B 249 -4.79 -4.42 17.05
C SER B 249 -4.20 -5.76 17.44
N ASN B 250 -2.91 -5.92 17.16
CA ASN B 250 -2.13 -6.92 17.85
C ASN B 250 -2.41 -6.78 19.39
N LYS B 251 -2.52 -7.89 20.11
CA LYS B 251 -2.74 -7.83 21.56
C LYS B 251 -1.60 -7.11 22.33
N ALA B 252 -0.39 -7.08 21.79
CA ALA B 252 0.74 -6.47 22.49
C ALA B 252 0.94 -4.98 22.19
N CYS B 253 0.11 -4.39 21.33
CA CYS B 253 0.18 -2.94 21.22
C CYS B 253 -1.15 -2.21 21.46
N HIS B 254 -2.22 -2.97 21.66
CA HIS B 254 -3.57 -2.42 21.79
C HIS B 254 -3.71 -1.31 22.86
N GLU B 255 -3.30 -1.64 24.10
CA GLU B 255 -3.41 -0.69 25.19
C GLU B 255 -2.57 0.56 24.98
N THR B 256 -1.33 0.39 24.56
CA THR B 256 -0.48 1.52 24.24
C THR B 256 -1.16 2.42 23.19
N VAL B 257 -1.75 1.89 22.13
CA VAL B 257 -2.40 2.80 21.16
C VAL B 257 -3.60 3.55 21.74
N LEU B 258 -4.44 2.84 22.49
CA LEU B 258 -5.60 3.47 23.12
C LEU B 258 -5.19 4.61 24.01
N LYS B 259 -4.14 4.43 24.82
CA LYS B 259 -3.74 5.49 25.75
C LYS B 259 -3.20 6.71 25.00
N ILE B 260 -2.45 6.48 23.93
CA ILE B 260 -1.99 7.60 23.11
C ILE B 260 -3.21 8.31 22.50
N LEU B 261 -4.16 7.52 22.02
CA LEU B 261 -5.32 8.08 21.34
C LEU B 261 -6.12 8.94 22.30
N ASN B 262 -6.22 8.49 23.55
CA ASN B 262 -7.02 9.17 24.54
C ASN B 262 -6.27 10.24 25.30
N ALA B 263 -4.95 10.37 25.11
CA ALA B 263 -4.16 11.28 25.99
C ALA B 263 -4.16 12.74 25.51
N ASN B 264 -3.83 13.66 26.43
CA ASN B 264 -3.60 15.08 26.09
C ASN B 264 -4.81 15.72 25.43
N GLY B 265 -6.01 15.50 25.96
CA GLY B 265 -7.23 16.03 25.33
C GLY B 265 -7.83 15.19 24.19
N GLY B 266 -7.26 14.02 23.86
CA GLY B 266 -7.89 13.11 22.85
C GLY B 266 -7.61 13.37 21.37
N TYR B 267 -8.10 12.50 20.50
CA TYR B 267 -7.62 12.44 19.14
C TYR B 267 -8.39 13.36 18.19
N GLN B 268 -9.52 13.88 18.65
CA GLN B 268 -10.37 14.68 17.77
C GLN B 268 -9.73 16.02 17.39
N LYS B 269 -10.06 16.55 16.21
CA LYS B 269 -9.61 17.89 15.79
C LYS B 269 -10.08 19.00 16.71
N TYR B 270 -9.18 19.92 17.07
CA TYR B 270 -9.59 21.14 17.79
C TYR B 270 -9.57 22.40 16.90
N ARG B 271 -9.41 22.26 15.58
CA ARG B 271 -9.18 23.42 14.67
C ARG B 271 -9.60 23.05 13.26
#